data_4B6L
#
_entry.id   4B6L
#
_cell.length_a   144.140
_cell.length_b   56.370
_cell.length_c   45.320
_cell.angle_alpha   90.00
_cell.angle_beta   96.83
_cell.angle_gamma   90.00
#
_symmetry.space_group_name_H-M   'C 1 2 1'
#
loop_
_entity.id
_entity.type
_entity.pdbx_description
1 polymer 'SERINE/THREONINE-PROTEIN KINASE PLK3'
2 non-polymer 4-[[(4R)-5-cyclopentyl-4-ethyl-3a,4-dihydro-3H-[1,2,4]triazolo[4,3-f]pteridin-7-yl]amino]-N-cyclopropyl-3-methoxy-benzamide
3 non-polymer 'SULFATE ION'
4 water water
#
_entity_poly.entity_id   1
_entity_poly.type   'polypeptide(L)'
_entity_poly.pdbx_seq_one_letter_code
;LITDPRSGRTYLKGRLLGKGGFARCYEATDTETGSAYAVKVIPQSRVAKPHQREKILNEIELHRDLQHRHIVRFSHHFED
ADNIYIFLELCSRKSLAHIWKARHTLLEPEVRYYLRQILSGLKYLHQRGILHRDLKLGNFFITENMELKVGDFGLAARLE
PPEQRKKTICGTPNYVAPEVLLRQGHGPEADVWSLGCVMYTLLCGSPPFETADLKETYRCIKQVHYTLPASLSLPARQLL
AAILRASPRDRPSIDQILRHDFFTKGYTPDRLPISSCVTVP
;
_entity_poly.pdbx_strand_id   A
#
# COMPACT_ATOMS: atom_id res chain seq x y z
N LEU A 1 -23.36 14.92 3.82
CA LEU A 1 -23.80 15.55 5.07
C LEU A 1 -22.64 15.96 6.01
N ILE A 2 -22.89 16.10 7.33
CA ILE A 2 -21.90 16.51 8.32
C ILE A 2 -21.48 15.39 9.30
N THR A 3 -20.20 15.42 9.74
CA THR A 3 -19.59 14.57 10.77
C THR A 3 -19.10 15.47 11.94
N ASP A 4 -19.23 15.01 13.22
CA ASP A 4 -18.80 15.77 14.42
C ASP A 4 -18.33 14.92 15.65
N PRO A 5 -17.32 15.37 16.48
CA PRO A 5 -16.90 14.58 17.67
C PRO A 5 -17.60 14.85 19.04
N ARG A 6 -16.77 15.11 20.12
CA ARG A 6 -17.08 15.42 21.55
C ARG A 6 -17.03 16.94 21.80
N SER A 7 -16.35 17.68 20.91
CA SER A 7 -16.15 19.13 20.95
C SER A 7 -17.24 19.84 20.14
N GLY A 8 -17.95 19.06 19.32
CA GLY A 8 -19.00 19.55 18.45
C GLY A 8 -18.47 20.07 17.12
N ARG A 9 -17.14 19.98 16.90
CA ARG A 9 -16.44 20.39 15.68
C ARG A 9 -17.06 19.68 14.47
N THR A 10 -17.55 20.45 13.49
CA THR A 10 -18.16 19.84 12.33
C THR A 10 -17.23 19.74 11.13
N TYR A 11 -17.50 18.76 10.30
CA TYR A 11 -16.76 18.44 9.10
C TYR A 11 -17.80 18.16 8.06
N LEU A 12 -17.67 18.80 6.88
CA LEU A 12 -18.59 18.58 5.78
C LEU A 12 -18.10 17.38 4.94
N LYS A 13 -18.95 16.36 4.76
CA LYS A 13 -18.58 15.21 3.94
C LYS A 13 -18.75 15.61 2.49
N GLY A 14 -17.67 15.49 1.73
CA GLY A 14 -17.68 15.76 0.31
C GLY A 14 -18.04 14.49 -0.42
N ARG A 15 -17.48 14.35 -1.61
CA ARG A 15 -17.68 13.20 -2.49
C ARG A 15 -17.15 11.89 -1.85
N LEU A 16 -17.85 10.77 -2.12
CA LEU A 16 -17.45 9.43 -1.70
C LEU A 16 -16.24 9.07 -2.58
N LEU A 17 -15.09 8.81 -1.92
CA LEU A 17 -13.85 8.49 -2.60
C LEU A 17 -13.81 7.01 -2.99
N GLY A 18 -14.47 6.18 -2.19
CA GLY A 18 -14.53 4.73 -2.38
C GLY A 18 -15.12 4.00 -1.19
N LYS A 19 -15.38 2.69 -1.38
CA LYS A 19 -15.97 1.81 -0.39
C LYS A 19 -14.99 0.64 -0.06
N GLY A 20 -15.44 -0.61 -0.28
CA GLY A 20 -14.65 -1.81 -0.01
C GLY A 20 -14.71 -2.22 1.44
N GLY A 21 -15.16 -3.46 1.69
CA GLY A 21 -15.32 -4.07 3.02
C GLY A 21 -14.29 -3.66 4.06
N PHE A 22 -14.68 -2.88 5.08
CA PHE A 22 -16.05 -2.42 5.33
C PHE A 22 -16.09 -0.94 5.81
N ALA A 23 -15.48 -0.05 5.00
CA ALA A 23 -15.44 1.38 5.29
C ALA A 23 -15.83 2.22 4.09
N ARG A 24 -16.48 3.34 4.34
CA ARG A 24 -16.85 4.31 3.32
C ARG A 24 -15.92 5.52 3.52
N CYS A 25 -15.26 5.94 2.46
CA CYS A 25 -14.30 7.02 2.49
C CYS A 25 -14.82 8.23 1.81
N TYR A 26 -14.58 9.40 2.42
CA TYR A 26 -15.02 10.69 1.92
C TYR A 26 -13.95 11.73 2.09
N GLU A 27 -14.03 12.75 1.24
CA GLU A 27 -13.24 13.95 1.42
C GLU A 27 -14.06 14.67 2.53
N ALA A 28 -13.37 15.18 3.55
CA ALA A 28 -14.04 15.86 4.67
C ALA A 28 -13.33 17.15 5.00
N THR A 29 -14.07 18.25 4.96
CA THR A 29 -13.52 19.56 5.25
C THR A 29 -14.08 20.11 6.53
N ASP A 30 -13.19 20.54 7.42
CA ASP A 30 -13.55 21.18 8.67
C ASP A 30 -14.39 22.43 8.33
N THR A 31 -15.57 22.55 8.93
CA THR A 31 -16.49 23.67 8.69
C THR A 31 -15.90 25.03 9.09
N GLU A 32 -15.06 25.06 10.12
CA GLU A 32 -14.52 26.33 10.64
C GLU A 32 -13.17 26.75 10.08
N THR A 33 -12.33 25.78 9.69
CA THR A 33 -10.98 26.06 9.19
C THR A 33 -10.80 25.75 7.72
N GLY A 34 -11.66 24.87 7.17
CA GLY A 34 -11.58 24.43 5.80
C GLY A 34 -10.60 23.28 5.57
N SER A 35 -9.89 22.84 6.64
CA SER A 35 -8.91 21.75 6.57
C SER A 35 -9.53 20.48 5.99
N ALA A 36 -8.93 19.99 4.89
CA ALA A 36 -9.40 18.82 4.14
C ALA A 36 -8.71 17.57 4.61
N TYR A 37 -9.48 16.48 4.68
CA TYR A 37 -9.03 15.15 5.10
C TYR A 37 -9.71 14.11 4.21
N ALA A 38 -9.14 12.91 4.23
CA ALA A 38 -9.71 11.71 3.63
C ALA A 38 -10.17 10.97 4.89
N VAL A 39 -11.49 10.87 5.06
CA VAL A 39 -12.12 10.25 6.23
C VAL A 39 -12.63 8.84 5.96
N LYS A 40 -12.17 7.90 6.79
CA LYS A 40 -12.65 6.54 6.72
C LYS A 40 -13.75 6.44 7.77
N VAL A 41 -14.96 6.14 7.30
CA VAL A 41 -16.16 6.03 8.14
C VAL A 41 -16.44 4.53 8.30
N ILE A 42 -16.12 4.01 9.50
CA ILE A 42 -16.28 2.59 9.82
C ILE A 42 -17.50 2.41 10.73
N PRO A 43 -18.54 1.67 10.29
CA PRO A 43 -19.69 1.42 11.19
C PRO A 43 -19.24 0.55 12.37
N GLN A 44 -19.61 0.96 13.61
CA GLN A 44 -19.32 0.29 14.89
C GLN A 44 -19.79 -1.17 14.88
N SER A 45 -20.94 -1.43 14.25
CA SER A 45 -21.54 -2.76 14.10
C SER A 45 -20.67 -3.75 13.28
N ARG A 46 -19.91 -3.24 12.30
CA ARG A 46 -19.01 -4.04 11.44
C ARG A 46 -17.69 -4.39 12.14
N VAL A 47 -17.41 -3.74 13.27
CA VAL A 47 -16.22 -3.93 14.09
C VAL A 47 -16.56 -4.25 15.56
N ALA A 48 -17.81 -4.73 15.80
CA ALA A 48 -18.30 -5.09 17.13
C ALA A 48 -17.59 -6.32 17.67
N LYS A 49 -17.29 -7.31 16.80
CA LYS A 49 -16.61 -8.55 17.20
C LYS A 49 -15.14 -8.29 17.60
N PRO A 50 -14.57 -9.04 18.60
CA PRO A 50 -13.19 -8.77 19.05
C PRO A 50 -12.09 -8.66 17.99
N HIS A 51 -11.99 -9.64 17.07
CA HIS A 51 -11.01 -9.65 15.99
C HIS A 51 -11.11 -8.40 15.10
N GLN A 52 -12.35 -8.00 14.75
CA GLN A 52 -12.60 -6.82 13.91
C GLN A 52 -12.31 -5.53 14.70
N ARG A 53 -12.58 -5.52 16.01
CA ARG A 53 -12.32 -4.40 16.89
C ARG A 53 -10.80 -4.22 17.02
N GLU A 54 -10.06 -5.34 17.27
CA GLU A 54 -8.61 -5.36 17.41
C GLU A 54 -7.89 -4.90 16.16
N LYS A 55 -8.41 -5.26 14.97
CA LYS A 55 -7.88 -4.86 13.67
C LYS A 55 -7.95 -3.32 13.53
N ILE A 56 -9.13 -2.75 13.78
CA ILE A 56 -9.35 -1.30 13.71
C ILE A 56 -8.51 -0.51 14.74
N LEU A 57 -8.36 -1.02 15.97
CA LEU A 57 -7.59 -0.35 17.02
C LEU A 57 -6.09 -0.37 16.70
N ASN A 58 -5.61 -1.52 16.16
CA ASN A 58 -4.21 -1.71 15.75
C ASN A 58 -3.81 -0.73 14.65
N GLU A 59 -4.68 -0.56 13.64
CA GLU A 59 -4.49 0.37 12.53
C GLU A 59 -4.25 1.76 13.10
N ILE A 60 -5.16 2.22 13.99
CA ILE A 60 -5.08 3.51 14.65
C ILE A 60 -3.80 3.60 15.48
N GLU A 61 -3.50 2.55 16.26
CA GLU A 61 -2.31 2.50 17.12
C GLU A 61 -1.01 2.65 16.37
N LEU A 62 -0.87 1.88 15.28
CA LEU A 62 0.35 1.87 14.47
C LEU A 62 0.43 3.09 13.56
N HIS A 63 -0.71 3.55 13.03
CA HIS A 63 -0.71 4.71 12.15
C HIS A 63 -0.47 6.08 12.85
N ARG A 64 -0.97 6.25 14.09
CA ARG A 64 -0.93 7.45 14.95
C ARG A 64 0.30 8.36 14.76
N ASP A 65 1.49 7.87 15.15
CA ASP A 65 2.75 8.62 15.17
C ASP A 65 3.65 8.56 13.90
N LEU A 66 3.21 7.88 12.83
CA LEU A 66 3.97 7.70 11.59
C LEU A 66 4.18 9.02 10.85
N GLN A 67 5.41 9.56 10.88
CA GLN A 67 5.76 10.85 10.28
C GLN A 67 6.88 10.72 9.30
N HIS A 68 6.50 10.58 8.03
CA HIS A 68 7.42 10.40 6.91
C HIS A 68 6.72 10.92 5.66
N ARG A 69 7.47 11.58 4.79
CA ARG A 69 6.95 12.17 3.56
C ARG A 69 6.36 11.12 2.59
N HIS A 70 6.79 9.85 2.75
CA HIS A 70 6.29 8.77 1.94
C HIS A 70 5.30 7.89 2.63
N ILE A 71 4.73 8.44 3.74
CA ILE A 71 3.71 7.80 4.57
C ILE A 71 2.54 8.75 4.78
N VAL A 72 1.34 8.22 4.57
CA VAL A 72 0.09 8.93 4.81
C VAL A 72 0.10 9.41 6.26
N ARG A 73 -0.18 10.70 6.42
CA ARG A 73 -0.24 11.24 7.75
C ARG A 73 -1.60 10.97 8.36
N PHE A 74 -1.61 10.24 9.47
CA PHE A 74 -2.78 9.99 10.30
C PHE A 74 -3.07 11.34 10.96
N SER A 75 -4.32 11.84 10.90
CA SER A 75 -4.59 13.13 11.53
C SER A 75 -5.15 12.91 12.91
N HIS A 76 -6.35 12.31 13.00
CA HIS A 76 -7.03 12.06 14.24
C HIS A 76 -8.20 11.13 13.96
N HIS A 77 -8.76 10.58 15.01
CA HIS A 77 -9.94 9.75 14.93
C HIS A 77 -10.84 10.15 16.06
N PHE A 78 -12.10 9.73 15.97
CA PHE A 78 -13.10 9.87 17.00
C PHE A 78 -14.18 8.90 16.65
N GLU A 79 -15.05 8.63 17.63
CA GLU A 79 -16.09 7.66 17.43
C GLU A 79 -17.31 7.94 18.25
N ASP A 80 -18.44 7.53 17.73
CA ASP A 80 -19.75 7.62 18.35
C ASP A 80 -20.33 6.21 18.31
N ALA A 81 -21.56 5.98 18.77
CA ALA A 81 -22.12 4.63 18.79
C ALA A 81 -22.36 4.03 17.40
N ASP A 82 -22.43 4.88 16.37
CA ASP A 82 -22.64 4.47 14.98
C ASP A 82 -21.36 4.20 14.24
N ASN A 83 -20.46 5.17 14.24
CA ASN A 83 -19.23 5.04 13.45
C ASN A 83 -17.96 5.38 14.16
N ILE A 84 -16.88 4.94 13.53
CA ILE A 84 -15.50 5.29 13.81
C ILE A 84 -15.11 6.15 12.60
N TYR A 85 -14.65 7.38 12.87
CA TYR A 85 -14.21 8.32 11.86
C TYR A 85 -12.69 8.42 11.94
N ILE A 86 -12.00 7.94 10.91
CA ILE A 86 -10.54 8.01 10.87
C ILE A 86 -10.15 9.07 9.85
N PHE A 87 -9.48 10.17 10.31
CA PHE A 87 -9.07 11.30 9.46
C PHE A 87 -7.62 11.12 9.08
N LEU A 88 -7.42 11.06 7.78
CA LEU A 88 -6.14 10.81 7.14
C LEU A 88 -5.83 11.86 6.12
N GLU A 89 -4.56 11.95 5.76
CA GLU A 89 -4.04 12.83 4.74
C GLU A 89 -4.77 12.63 3.42
N LEU A 90 -5.37 13.70 2.94
CA LEU A 90 -6.04 13.60 1.66
C LEU A 90 -4.97 13.73 0.56
N CYS A 91 -5.00 12.82 -0.40
CA CYS A 91 -4.07 12.83 -1.52
C CYS A 91 -4.95 13.01 -2.75
N SER A 92 -4.94 14.24 -3.26
CA SER A 92 -5.79 14.71 -4.36
C SER A 92 -5.70 13.91 -5.68
N ARG A 93 -4.59 13.18 -5.89
CA ARG A 93 -4.40 12.38 -7.10
C ARG A 93 -4.67 10.88 -6.91
N LYS A 94 -5.55 10.57 -5.95
CA LYS A 94 -6.08 9.25 -5.62
C LYS A 94 -4.97 8.26 -5.24
N SER A 95 -4.95 7.08 -5.86
CA SER A 95 -3.97 6.05 -5.61
C SER A 95 -3.33 5.49 -6.91
N LEU A 96 -2.27 4.69 -6.76
CA LEU A 96 -1.62 4.05 -7.90
C LEU A 96 -2.54 3.04 -8.56
N ALA A 97 -3.56 2.56 -7.82
CA ALA A 97 -4.58 1.64 -8.37
C ALA A 97 -5.43 2.44 -9.34
N HIS A 98 -5.81 3.69 -8.97
CA HIS A 98 -6.56 4.59 -9.84
C HIS A 98 -5.73 4.93 -11.08
N ILE A 99 -4.45 5.25 -10.91
CA ILE A 99 -3.59 5.58 -12.05
C ILE A 99 -3.44 4.30 -12.92
N TRP A 100 -3.21 3.14 -12.28
CA TRP A 100 -3.08 1.87 -13.00
C TRP A 100 -4.34 1.56 -13.79
N LYS A 101 -5.54 1.85 -13.26
CA LYS A 101 -6.80 1.60 -13.98
C LYS A 101 -6.87 2.45 -15.24
N ALA A 102 -6.37 3.69 -15.15
CA ALA A 102 -6.33 4.66 -16.24
C ALA A 102 -5.21 4.35 -17.27
N ARG A 103 -4.05 3.93 -16.78
CA ARG A 103 -2.85 3.71 -17.59
C ARG A 103 -2.59 2.28 -18.05
N HIS A 104 -2.85 1.30 -17.15
CA HIS A 104 -2.56 -0.13 -17.31
C HIS A 104 -1.08 -0.43 -17.11
N THR A 105 -0.24 0.34 -17.77
CA THR A 105 1.21 0.24 -17.58
C THR A 105 1.77 1.64 -17.38
N LEU A 106 2.93 1.67 -16.75
CA LEU A 106 3.70 2.87 -16.55
C LEU A 106 5.01 2.66 -17.24
N LEU A 107 5.64 3.76 -17.67
CA LEU A 107 6.95 3.68 -18.31
C LEU A 107 7.99 3.42 -17.22
N GLU A 108 9.12 2.82 -17.63
CA GLU A 108 10.18 2.47 -16.69
C GLU A 108 10.60 3.62 -15.76
N PRO A 109 10.81 4.90 -16.23
CA PRO A 109 11.18 5.98 -15.29
C PRO A 109 10.09 6.29 -14.25
N GLU A 110 8.80 6.10 -14.60
CA GLU A 110 7.63 6.28 -13.73
C GLU A 110 7.60 5.24 -12.62
N VAL A 111 7.81 3.97 -13.00
CA VAL A 111 7.88 2.83 -12.10
C VAL A 111 9.03 3.08 -11.13
N ARG A 112 10.22 3.44 -11.66
CA ARG A 112 11.37 3.77 -10.85
C ARG A 112 11.09 4.96 -9.90
N TYR A 113 10.42 6.01 -10.40
CA TYR A 113 9.99 7.20 -9.66
C TYR A 113 9.08 6.82 -8.48
N TYR A 114 8.12 5.91 -8.70
CA TYR A 114 7.19 5.52 -7.65
C TYR A 114 7.84 4.52 -6.70
N LEU A 115 8.56 3.52 -7.24
CA LEU A 115 9.27 2.50 -6.46
C LEU A 115 10.20 3.13 -5.42
N ARG A 116 10.97 4.19 -5.78
CA ARG A 116 11.85 4.91 -4.85
C ARG A 116 11.07 5.43 -3.62
N GLN A 117 9.93 6.05 -3.87
CA GLN A 117 9.03 6.63 -2.85
C GLN A 117 8.42 5.56 -1.96
N ILE A 118 7.93 4.47 -2.59
CA ILE A 118 7.40 3.29 -1.89
C ILE A 118 8.49 2.75 -0.98
N LEU A 119 9.74 2.54 -1.52
CA LEU A 119 10.89 2.00 -0.78
C LEU A 119 11.31 2.90 0.35
N SER A 120 11.24 4.22 0.15
CA SER A 120 11.55 5.22 1.20
C SER A 120 10.52 5.09 2.33
N GLY A 121 9.23 4.99 1.97
CA GLY A 121 8.10 4.79 2.89
C GLY A 121 8.23 3.50 3.69
N LEU A 122 8.40 2.37 2.99
CA LEU A 122 8.60 1.06 3.60
C LEU A 122 9.80 1.00 4.54
N LYS A 123 10.98 1.52 4.12
CA LYS A 123 12.18 1.61 4.95
C LYS A 123 11.85 2.28 6.29
N TYR A 124 11.16 3.42 6.26
CA TYR A 124 10.75 4.15 7.47
C TYR A 124 9.93 3.23 8.41
N LEU A 125 8.96 2.49 7.79
CA LEU A 125 8.07 1.56 8.49
C LEU A 125 8.87 0.47 9.12
N HIS A 126 9.74 -0.16 8.32
CA HIS A 126 10.61 -1.25 8.76
C HIS A 126 11.53 -0.84 9.89
N GLN A 127 12.09 0.39 9.83
CA GLN A 127 12.97 0.95 10.84
C GLN A 127 12.23 1.20 12.16
N ARG A 128 10.90 1.36 12.08
CA ARG A 128 10.03 1.57 13.23
C ARG A 128 9.43 0.23 13.73
N GLY A 129 9.92 -0.89 13.16
CA GLY A 129 9.49 -2.24 13.49
C GLY A 129 8.05 -2.55 13.14
N ILE A 130 7.52 -1.91 12.06
CA ILE A 130 6.17 -2.11 11.58
C ILE A 130 6.24 -2.68 10.17
N LEU A 131 5.47 -3.72 9.93
CA LEU A 131 5.35 -4.32 8.62
C LEU A 131 4.02 -3.85 8.03
N HIS A 132 4.03 -3.49 6.77
CA HIS A 132 2.80 -3.01 6.18
C HIS A 132 1.82 -4.18 5.97
N ARG A 133 2.29 -5.27 5.32
CA ARG A 133 1.54 -6.52 5.08
C ARG A 133 0.48 -6.43 4.01
N ASP A 134 0.22 -5.23 3.48
CA ASP A 134 -0.76 -5.07 2.43
C ASP A 134 -0.32 -4.14 1.32
N LEU A 135 0.95 -4.29 0.89
CA LEU A 135 1.48 -3.48 -0.16
C LEU A 135 0.92 -3.83 -1.54
N LYS A 136 0.18 -2.88 -2.09
CA LYS A 136 -0.47 -2.94 -3.39
C LYS A 136 -0.72 -1.52 -3.85
N LEU A 137 -0.97 -1.36 -5.15
CA LEU A 137 -1.23 -0.12 -5.88
C LEU A 137 -2.34 0.71 -5.20
N GLY A 138 -3.38 0.01 -4.75
CA GLY A 138 -4.53 0.57 -4.03
C GLY A 138 -4.21 1.31 -2.76
N ASN A 139 -3.00 1.03 -2.19
CA ASN A 139 -2.49 1.56 -0.94
C ASN A 139 -1.37 2.61 -1.07
N PHE A 140 -1.11 3.06 -2.30
CA PHE A 140 -0.09 4.05 -2.57
C PHE A 140 -0.78 5.32 -3.03
N PHE A 141 -0.92 6.25 -2.10
CA PHE A 141 -1.65 7.49 -2.32
C PHE A 141 -0.86 8.58 -2.97
N ILE A 142 -1.47 9.25 -3.97
CA ILE A 142 -0.75 10.26 -4.75
C ILE A 142 -1.29 11.63 -4.48
N THR A 143 -0.39 12.55 -4.13
CA THR A 143 -0.74 13.93 -3.83
C THR A 143 -0.76 14.71 -5.14
N GLU A 144 -1.12 15.99 -5.02
CA GLU A 144 -1.13 16.96 -6.10
C GLU A 144 0.26 17.16 -6.70
N ASN A 145 1.32 17.02 -5.87
CA ASN A 145 2.74 17.14 -6.20
C ASN A 145 3.29 15.85 -6.79
N MET A 146 2.41 14.83 -6.97
CA MET A 146 2.77 13.52 -7.52
C MET A 146 3.72 12.82 -6.57
N GLU A 147 3.45 13.00 -5.29
CA GLU A 147 4.24 12.42 -4.21
C GLU A 147 3.47 11.24 -3.73
N LEU A 148 4.17 10.12 -3.61
CA LEU A 148 3.53 8.90 -3.16
C LEU A 148 3.61 8.80 -1.65
N LYS A 149 2.47 8.48 -1.06
CA LYS A 149 2.31 8.26 0.38
C LYS A 149 1.81 6.87 0.56
N VAL A 150 2.57 6.06 1.31
CA VAL A 150 2.14 4.69 1.56
C VAL A 150 1.01 4.81 2.62
N GLY A 151 -0.12 4.21 2.30
CA GLY A 151 -1.27 4.26 3.17
C GLY A 151 -1.85 2.93 3.53
N ASP A 152 -2.98 2.97 4.25
CA ASP A 152 -3.76 1.84 4.70
C ASP A 152 -3.01 0.84 5.58
N PHE A 153 -3.06 1.12 6.88
CA PHE A 153 -2.42 0.33 7.93
C PHE A 153 -3.37 -0.68 8.59
N GLY A 154 -4.44 -1.01 7.86
CA GLY A 154 -5.48 -1.96 8.24
C GLY A 154 -4.92 -3.34 8.53
N LEU A 155 -3.83 -3.73 7.84
CA LEU A 155 -3.12 -4.99 8.04
C LEU A 155 -1.72 -4.79 8.59
N ALA A 156 -1.33 -3.53 8.97
CA ALA A 156 -0.02 -3.28 9.55
C ALA A 156 0.16 -4.07 10.86
N ALA A 157 1.39 -4.49 11.11
CA ALA A 157 1.74 -5.31 12.26
C ALA A 157 3.09 -4.97 12.83
N ARG A 158 3.29 -5.29 14.11
CA ARG A 158 4.57 -5.15 14.78
C ARG A 158 5.46 -6.24 14.23
N LEU A 159 6.66 -5.88 13.74
CA LEU A 159 7.58 -6.86 13.17
C LEU A 159 8.04 -7.76 14.33
N GLU A 160 7.78 -9.07 14.21
CA GLU A 160 8.11 -10.03 15.26
C GLU A 160 9.04 -11.09 14.73
N PRO A 161 9.89 -11.74 15.59
CA PRO A 161 10.73 -12.84 15.08
C PRO A 161 9.89 -13.97 14.45
N PRO A 162 10.48 -14.79 13.54
CA PRO A 162 9.73 -15.89 12.89
C PRO A 162 8.89 -16.82 13.77
N GLU A 163 9.44 -17.25 14.92
CA GLU A 163 8.75 -18.15 15.85
C GLU A 163 7.60 -17.45 16.56
N GLN A 164 7.74 -16.15 16.86
CA GLN A 164 6.73 -15.37 17.54
C GLN A 164 5.59 -14.88 16.65
N ARG A 165 5.90 -14.39 15.43
CA ARG A 165 4.93 -13.79 14.52
C ARG A 165 3.67 -14.65 14.29
N LYS A 166 2.50 -13.99 14.11
CA LYS A 166 1.26 -14.70 13.76
C LYS A 166 1.48 -15.36 12.40
N LYS A 167 0.93 -16.57 12.23
CA LYS A 167 1.11 -17.43 11.05
C LYS A 167 -0.14 -17.43 10.18
N THR A 168 -0.99 -16.42 10.38
CA THR A 168 -2.24 -16.17 9.68
C THR A 168 -1.99 -15.81 8.21
N ILE A 169 -2.90 -16.23 7.31
CA ILE A 169 -2.78 -15.90 5.89
C ILE A 169 -3.63 -14.63 5.69
N CYS A 170 -2.97 -13.53 5.35
CA CYS A 170 -3.66 -12.27 5.09
C CYS A 170 -2.86 -11.45 4.11
N GLY A 171 -3.49 -10.42 3.57
CA GLY A 171 -2.90 -9.56 2.55
C GLY A 171 -3.51 -9.88 1.22
N THR A 172 -3.46 -8.93 0.28
CA THR A 172 -4.02 -9.12 -1.05
C THR A 172 -3.38 -10.31 -1.78
N PRO A 173 -4.21 -11.32 -2.13
CA PRO A 173 -3.71 -12.56 -2.77
C PRO A 173 -2.71 -12.44 -3.91
N ASN A 174 -2.92 -11.48 -4.84
CA ASN A 174 -2.01 -11.27 -5.95
C ASN A 174 -0.64 -10.75 -5.51
N TYR A 175 -0.55 -10.15 -4.30
CA TYR A 175 0.66 -9.53 -3.79
C TYR A 175 1.35 -10.30 -2.67
N VAL A 176 0.65 -11.28 -2.10
CA VAL A 176 1.12 -12.10 -0.98
C VAL A 176 2.32 -13.03 -1.29
N ALA A 177 3.32 -12.95 -0.40
CA ALA A 177 4.56 -13.71 -0.42
C ALA A 177 4.33 -15.22 -0.16
N PRO A 178 5.15 -16.12 -0.76
CA PRO A 178 4.92 -17.57 -0.56
C PRO A 178 4.97 -18.06 0.88
N GLU A 179 5.86 -17.49 1.73
CA GLU A 179 5.99 -17.85 3.15
C GLU A 179 4.69 -17.49 3.91
N VAL A 180 3.94 -16.50 3.42
CA VAL A 180 2.67 -16.12 4.06
C VAL A 180 1.64 -17.21 3.72
N LEU A 181 1.58 -17.64 2.44
CA LEU A 181 0.69 -18.74 2.01
C LEU A 181 1.05 -20.05 2.72
N LEU A 182 2.34 -20.20 3.07
CA LEU A 182 2.87 -21.38 3.77
C LEU A 182 2.71 -21.31 5.28
N ARG A 183 1.93 -20.32 5.75
CA ARG A 183 1.62 -20.07 7.16
C ARG A 183 2.87 -19.85 8.02
N GLN A 184 3.83 -19.13 7.46
CA GLN A 184 5.05 -18.77 8.19
C GLN A 184 4.93 -17.30 8.66
N GLY A 185 3.82 -16.66 8.31
CA GLY A 185 3.60 -15.27 8.67
C GLY A 185 4.35 -14.31 7.77
N HIS A 186 4.23 -13.02 8.08
CA HIS A 186 4.86 -11.91 7.37
C HIS A 186 6.11 -11.44 8.09
N GLY A 187 7.19 -11.34 7.36
CA GLY A 187 8.46 -10.76 7.81
C GLY A 187 8.67 -9.55 6.93
N PRO A 188 9.76 -8.76 7.11
CA PRO A 188 10.01 -7.63 6.17
C PRO A 188 10.19 -8.08 4.71
N GLU A 189 10.65 -9.34 4.53
CA GLU A 189 10.87 -9.96 3.23
C GLU A 189 9.56 -10.13 2.47
N ALA A 190 8.42 -10.35 3.19
CA ALA A 190 7.08 -10.45 2.58
C ALA A 190 6.63 -9.10 1.99
N ASP A 191 6.98 -7.98 2.66
CA ASP A 191 6.69 -6.65 2.13
C ASP A 191 7.51 -6.41 0.84
N VAL A 192 8.79 -6.81 0.86
CA VAL A 192 9.70 -6.73 -0.30
C VAL A 192 9.13 -7.51 -1.49
N TRP A 193 8.65 -8.76 -1.23
CA TRP A 193 8.00 -9.57 -2.25
C TRP A 193 6.80 -8.83 -2.85
N SER A 194 5.92 -8.24 -2.01
CA SER A 194 4.75 -7.50 -2.47
C SER A 194 5.15 -6.38 -3.38
N LEU A 195 6.31 -5.75 -3.11
CA LEU A 195 6.87 -4.66 -3.93
C LEU A 195 7.32 -5.18 -5.29
N GLY A 196 7.90 -6.38 -5.31
CA GLY A 196 8.27 -7.06 -6.54
C GLY A 196 7.04 -7.23 -7.40
N CYS A 197 5.91 -7.55 -6.74
CA CYS A 197 4.63 -7.69 -7.43
C CYS A 197 4.12 -6.37 -7.94
N VAL A 198 4.31 -5.29 -7.13
CA VAL A 198 3.95 -3.92 -7.47
C VAL A 198 4.71 -3.51 -8.70
N MET A 199 6.02 -3.68 -8.68
CA MET A 199 6.90 -3.37 -9.78
C MET A 199 6.45 -4.05 -11.08
N TYR A 200 6.22 -5.38 -10.98
CA TYR A 200 5.77 -6.19 -12.11
C TYR A 200 4.43 -5.70 -12.66
N THR A 201 3.45 -5.43 -11.78
CA THR A 201 2.13 -4.98 -12.19
C THR A 201 2.18 -3.67 -12.96
N LEU A 202 3.02 -2.74 -12.50
CA LEU A 202 3.22 -1.41 -13.08
C LEU A 202 3.91 -1.48 -14.44
N LEU A 203 4.87 -2.39 -14.57
CA LEU A 203 5.59 -2.54 -15.83
C LEU A 203 4.84 -3.34 -16.90
N CYS A 204 4.18 -4.43 -16.48
CA CYS A 204 3.52 -5.39 -17.38
C CYS A 204 2.03 -5.17 -17.60
N GLY A 205 1.35 -4.61 -16.59
CA GLY A 205 -0.08 -4.37 -16.66
C GLY A 205 -0.93 -5.16 -15.71
N SER A 206 -0.43 -6.32 -15.24
CA SER A 206 -1.18 -7.17 -14.33
C SER A 206 -0.24 -7.81 -13.26
N PRO A 207 -0.78 -8.23 -12.09
CA PRO A 207 0.07 -8.86 -11.07
C PRO A 207 0.74 -10.13 -11.63
N PRO A 208 1.98 -10.45 -11.22
CA PRO A 208 2.72 -11.57 -11.87
C PRO A 208 2.12 -12.96 -11.83
N PHE A 209 1.38 -13.27 -10.76
CA PHE A 209 0.80 -14.58 -10.53
C PHE A 209 -0.71 -14.57 -10.70
N GLU A 210 -1.22 -13.54 -11.40
CA GLU A 210 -2.64 -13.45 -11.69
C GLU A 210 -3.04 -14.59 -12.64
N THR A 211 -4.11 -15.28 -12.30
CA THR A 211 -4.69 -16.42 -13.05
C THR A 211 -6.22 -16.30 -12.86
N ALA A 212 -7.00 -17.23 -13.45
CA ALA A 212 -8.46 -17.27 -13.33
C ALA A 212 -8.91 -17.65 -11.91
N ASP A 213 -8.10 -18.48 -11.22
CA ASP A 213 -8.39 -19.00 -9.89
C ASP A 213 -7.38 -18.55 -8.84
N LEU A 214 -7.84 -18.49 -7.58
CA LEU A 214 -7.05 -18.12 -6.41
C LEU A 214 -6.08 -19.27 -6.09
N LYS A 215 -6.57 -20.52 -6.20
CA LYS A 215 -5.80 -21.74 -5.96
C LYS A 215 -4.60 -21.82 -6.91
N GLU A 216 -4.84 -21.50 -8.20
CA GLU A 216 -3.80 -21.51 -9.24
C GLU A 216 -2.76 -20.41 -9.00
N THR A 217 -3.21 -19.23 -8.58
CA THR A 217 -2.34 -18.09 -8.25
C THR A 217 -1.40 -18.49 -7.12
N TYR A 218 -1.97 -19.07 -6.05
CA TYR A 218 -1.26 -19.56 -4.86
C TYR A 218 -0.19 -20.59 -5.23
N ARG A 219 -0.52 -21.52 -6.18
CA ARG A 219 0.40 -22.50 -6.72
C ARG A 219 1.50 -21.81 -7.52
N CYS A 220 1.13 -20.74 -8.29
CA CYS A 220 2.11 -20.01 -9.10
C CYS A 220 3.06 -19.22 -8.21
N ILE A 221 2.56 -18.69 -7.07
CA ILE A 221 3.35 -17.92 -6.08
C ILE A 221 4.37 -18.84 -5.42
N LYS A 222 3.89 -19.98 -4.90
CA LYS A 222 4.69 -21.00 -4.21
C LYS A 222 5.81 -21.54 -5.10
N GLN A 223 5.52 -21.73 -6.39
CA GLN A 223 6.54 -22.19 -7.33
C GLN A 223 7.27 -21.06 -8.04
N VAL A 224 6.87 -19.81 -7.74
CA VAL A 224 7.40 -18.58 -8.35
C VAL A 224 7.37 -18.76 -9.89
N HIS A 225 6.17 -19.09 -10.37
CA HIS A 225 5.84 -19.35 -11.77
C HIS A 225 5.16 -18.11 -12.29
N TYR A 226 5.90 -17.36 -13.10
CA TYR A 226 5.46 -16.13 -13.75
C TYR A 226 6.37 -15.90 -14.96
N THR A 227 5.88 -15.15 -15.96
CA THR A 227 6.59 -14.83 -17.19
C THR A 227 7.14 -13.40 -17.15
N LEU A 228 8.38 -13.22 -17.56
CA LEU A 228 8.96 -11.89 -17.64
C LEU A 228 8.88 -11.44 -19.11
N PRO A 229 8.00 -10.45 -19.44
CA PRO A 229 7.90 -10.02 -20.86
C PRO A 229 9.27 -9.56 -21.39
N ALA A 230 9.58 -9.97 -22.62
CA ALA A 230 10.85 -9.67 -23.30
C ALA A 230 11.13 -8.18 -23.43
N SER A 231 10.07 -7.37 -23.54
CA SER A 231 10.14 -5.91 -23.69
C SER A 231 10.67 -5.14 -22.46
N LEU A 232 10.61 -5.74 -21.24
CA LEU A 232 11.11 -5.04 -20.04
C LEU A 232 12.63 -5.02 -20.15
N SER A 233 13.24 -3.95 -19.63
CA SER A 233 14.69 -3.80 -19.67
C SER A 233 15.37 -4.93 -18.88
N LEU A 234 16.65 -5.19 -19.18
CA LEU A 234 17.41 -6.20 -18.42
C LEU A 234 17.48 -5.81 -16.92
N PRO A 235 17.80 -4.54 -16.51
CA PRO A 235 17.78 -4.22 -15.08
C PRO A 235 16.42 -4.46 -14.41
N ALA A 236 15.29 -4.24 -15.14
CA ALA A 236 13.94 -4.49 -14.59
C ALA A 236 13.70 -5.97 -14.34
N ARG A 237 14.07 -6.84 -15.32
CA ARG A 237 13.93 -8.28 -15.22
C ARG A 237 14.87 -8.82 -14.14
N GLN A 238 16.12 -8.28 -14.04
CA GLN A 238 17.12 -8.68 -13.03
C GLN A 238 16.59 -8.38 -11.65
N LEU A 239 16.06 -7.16 -11.44
CA LEU A 239 15.51 -6.75 -10.15
C LEU A 239 14.28 -7.57 -9.76
N LEU A 240 13.37 -7.82 -10.72
CA LEU A 240 12.17 -8.64 -10.51
C LEU A 240 12.54 -10.06 -10.06
N ALA A 241 13.55 -10.66 -10.74
CA ALA A 241 14.09 -11.99 -10.45
C ALA A 241 14.73 -12.06 -9.05
N ALA A 242 15.52 -11.04 -8.66
CA ALA A 242 16.15 -10.98 -7.34
C ALA A 242 15.07 -10.84 -6.24
N ILE A 243 14.04 -10.01 -6.49
CA ILE A 243 12.95 -9.78 -5.52
C ILE A 243 12.00 -10.98 -5.40
N LEU A 244 11.54 -11.53 -6.54
CA LEU A 244 10.59 -12.63 -6.57
C LEU A 244 11.28 -13.98 -6.39
N ARG A 245 11.76 -14.18 -5.17
CA ARG A 245 12.47 -15.38 -4.74
C ARG A 245 11.57 -16.08 -3.74
N ALA A 246 11.35 -17.40 -3.89
CA ALA A 246 10.52 -18.19 -2.98
C ALA A 246 11.00 -18.08 -1.53
N SER A 247 12.32 -18.12 -1.33
CA SER A 247 12.89 -18.06 0.01
C SER A 247 13.09 -16.62 0.48
N PRO A 248 12.35 -16.19 1.55
CA PRO A 248 12.44 -14.81 2.03
C PRO A 248 13.86 -14.27 2.27
N ARG A 249 14.78 -15.10 2.87
CA ARG A 249 16.19 -14.73 3.12
C ARG A 249 17.04 -14.47 1.85
N ASP A 250 16.62 -15.03 0.68
CA ASP A 250 17.30 -14.83 -0.61
C ASP A 250 16.92 -13.50 -1.24
N ARG A 251 15.85 -12.86 -0.77
CA ARG A 251 15.39 -11.59 -1.31
C ARG A 251 16.29 -10.44 -0.89
N PRO A 252 16.47 -9.42 -1.75
CA PRO A 252 17.27 -8.25 -1.34
C PRO A 252 16.52 -7.44 -0.29
N SER A 253 17.28 -6.70 0.54
CA SER A 253 16.75 -5.75 1.50
C SER A 253 16.36 -4.52 0.65
N ILE A 254 15.68 -3.55 1.24
CA ILE A 254 15.33 -2.28 0.60
C ILE A 254 16.63 -1.55 0.16
N ASP A 255 17.66 -1.53 1.03
CA ASP A 255 18.95 -0.90 0.71
C ASP A 255 19.62 -1.53 -0.50
N GLN A 256 19.55 -2.88 -0.59
CA GLN A 256 20.08 -3.65 -1.71
C GLN A 256 19.31 -3.40 -2.99
N ILE A 257 17.95 -3.33 -2.90
CA ILE A 257 17.06 -3.04 -4.03
C ILE A 257 17.46 -1.69 -4.64
N LEU A 258 17.66 -0.68 -3.78
CA LEU A 258 18.03 0.68 -4.16
C LEU A 258 19.44 0.79 -4.76
N ARG A 259 20.31 -0.20 -4.50
CA ARG A 259 21.66 -0.21 -5.05
C ARG A 259 21.79 -1.07 -6.34
N HIS A 260 20.67 -1.67 -6.76
CA HIS A 260 20.53 -2.45 -7.97
C HIS A 260 20.57 -1.49 -9.16
N ASP A 261 21.10 -1.98 -10.29
CA ASP A 261 21.22 -1.29 -11.58
C ASP A 261 19.95 -0.68 -12.09
N PHE A 262 18.78 -1.33 -11.83
CA PHE A 262 17.48 -0.77 -12.19
C PHE A 262 17.37 0.68 -11.69
N PHE A 263 17.81 0.94 -10.45
CA PHE A 263 17.77 2.28 -9.86
C PHE A 263 19.03 3.12 -10.12
N THR A 264 20.21 2.51 -9.98
CA THR A 264 21.52 3.18 -10.11
C THR A 264 21.90 3.62 -11.51
N LYS A 265 21.46 2.89 -12.53
CA LYS A 265 21.79 3.18 -13.93
C LYS A 265 20.63 3.77 -14.73
N GLY A 266 19.44 3.80 -14.11
CA GLY A 266 18.22 4.30 -14.72
C GLY A 266 17.89 5.75 -14.45
N TYR A 267 17.06 6.33 -15.34
CA TYR A 267 16.60 7.72 -15.22
C TYR A 267 15.38 7.80 -14.30
N THR A 268 15.47 8.67 -13.29
CA THR A 268 14.35 8.94 -12.38
C THR A 268 14.00 10.41 -12.56
N PRO A 269 12.79 10.74 -13.07
CA PRO A 269 12.40 12.15 -13.18
C PRO A 269 12.28 12.76 -11.77
N ASP A 270 12.60 14.06 -11.65
CA ASP A 270 12.51 14.79 -10.39
C ASP A 270 11.04 14.84 -9.96
N ARG A 271 10.13 14.97 -10.93
CA ARG A 271 8.69 14.97 -10.71
C ARG A 271 7.99 14.43 -11.94
N LEU A 272 6.80 13.92 -11.76
CA LEU A 272 6.00 13.43 -12.87
C LEU A 272 4.89 14.46 -13.13
N PRO A 273 4.46 14.72 -14.38
CA PRO A 273 3.36 15.69 -14.56
C PRO A 273 2.05 15.08 -14.06
N ILE A 274 1.11 15.94 -13.65
CA ILE A 274 -0.23 15.53 -13.18
C ILE A 274 -0.94 14.68 -14.24
N SER A 275 -0.73 15.04 -15.53
CA SER A 275 -1.26 14.37 -16.71
C SER A 275 -0.94 12.86 -16.73
N SER A 276 0.21 12.46 -16.15
CA SER A 276 0.63 11.05 -16.08
C SER A 276 -0.33 10.15 -15.28
N CYS A 277 -1.31 10.77 -14.57
CA CYS A 277 -2.35 10.05 -13.80
C CYS A 277 -3.32 9.36 -14.76
N VAL A 278 -3.55 9.95 -15.93
CA VAL A 278 -4.53 9.46 -16.89
C VAL A 278 -3.95 9.01 -18.23
N THR A 279 -2.79 9.55 -18.63
CA THR A 279 -2.18 9.24 -19.92
C THR A 279 -0.65 9.17 -19.78
N VAL A 280 0.04 8.67 -20.82
CA VAL A 280 1.51 8.61 -20.84
C VAL A 280 2.09 10.02 -20.62
N PRO A 281 3.13 10.15 -19.77
CA PRO A 281 3.68 11.48 -19.47
C PRO A 281 4.24 12.26 -20.67
#